data_7QY1
#
_entry.id   7QY1
#
_cell.length_a   131.191
_cell.length_b   131.191
_cell.length_c   155.280
_cell.angle_alpha   90.000
_cell.angle_beta   90.000
_cell.angle_gamma   120.000
#
_symmetry.space_group_name_H-M   'P 65 2 2'
#
loop_
_entity.id
_entity.type
_entity.pdbx_description
1 polymer Furin
2 non-polymer 3-[4-[5-[4-[[4-(acetamidomethyl)piperidin-1-ium-1-yl]methyl]-6-[3,5-bis(chloranyl)phenyl]pyridin-2-yl]oxypyridin-2-yl]piperazin-1-ium-1-yl]propanoate
3 non-polymer 'CALCIUM ION'
4 non-polymer 'SODIUM ION'
5 non-polymer 'CHLORIDE ION'
6 non-polymer 'DIMETHYL SULFOXIDE'
7 non-polymer 2-acetamido-2-deoxy-beta-D-glucopyranose
8 water water
#
_entity_poly.entity_id   1
_entity_poly.type   'polypeptide(L)'
_entity_poly.pdbx_seq_one_letter_code
;DVYQEPTDPKFPQQWYLSGVTQRDLNVKAAWAQGYTGHGIVVSILDDGIEKNHPDLAGNYDPGASFDVNDQDPDPQPRYT
QMNDNRHGTRCAGEVAAVANNGVCGVGVAYNARIGGVRMLDGEVTDAVEARSLGLNPNHIHIYSASWGPEDDGKTVDGPA
RLAEEAFFRGVSQGRGGLGSIFVWASGNGGREHDSCNCDGYTNSIYTLSISSATQFGNVPWYSEACSSTLATTYSSGNQN
EKQIVTTDLRQKCTESHTGTSASAPLAAGIIALTLEANKNLTWRDMQHLVVQTSKPAHLNANDWATNGVGRKVSHSYGYG
LLDAGAMVALAQNWTTVAPQRKCIIDILTEPKDIGKRLEVRKTVTACLGEPNHITRLEHAQARLTLSYNRRGDLAIHLVS
PMGTRSTLLAARPHDYSADGFNDWAFMTTHSWDEDPSGEWVLEIENTSEANNYGTLTKFTLVLYGTASGSLVPRGSHHHH
;
_entity_poly.pdbx_strand_id   A
#
loop_
_chem_comp.id
_chem_comp.type
_chem_comp.name
_chem_comp.formula
CA non-polymer 'CALCIUM ION' 'Ca 2'
CL non-polymer 'CHLORIDE ION' 'Cl -1'
DMS non-polymer 'DIMETHYL SULFOXIDE' 'C2 H6 O S'
I0W non-polymer 3-[4-[5-[4-[[4-(acetamidomethyl)piperidin-1-ium-1-yl]methyl]-6-[3,5-bis(chloranyl)phenyl]pyridin-2-yl]oxypyridin-2-yl]piperazin-1-ium-1-yl]propanoate 'C32 H39 Cl2 N6 O4 1'
NA non-polymer 'SODIUM ION' 'Na 1'
NAG D-saccharide, beta linking 2-acetamido-2-deoxy-beta-D-glucopyranose 'C8 H15 N O6'
#
# COMPACT_ATOMS: atom_id res chain seq x y z
N TYR A 3 -9.50 29.48 9.10
CA TYR A 3 -9.06 28.22 9.70
C TYR A 3 -7.88 28.45 10.66
N GLN A 4 -7.93 27.83 11.84
CA GLN A 4 -6.87 27.95 12.85
C GLN A 4 -6.12 26.64 12.97
N GLU A 5 -4.81 26.68 12.77
CA GLU A 5 -4.04 25.47 12.83
C GLU A 5 -3.89 24.97 14.27
N PRO A 6 -3.59 23.69 14.43
CA PRO A 6 -3.55 23.10 15.77
C PRO A 6 -2.52 23.77 16.66
N THR A 7 -2.85 23.81 17.94
CA THR A 7 -2.01 24.42 18.96
C THR A 7 -1.19 23.40 19.73
N ASP A 8 -1.28 22.13 19.38
CA ASP A 8 -0.61 21.08 20.15
C ASP A 8 0.90 21.33 20.21
N PRO A 9 1.53 20.97 21.33
CA PRO A 9 2.92 21.38 21.55
C PRO A 9 3.89 20.82 20.52
N LYS A 10 3.63 19.64 19.96
CA LYS A 10 4.54 19.06 18.99
C LYS A 10 4.07 19.21 17.56
N PHE A 11 2.98 19.92 17.32
CA PHE A 11 2.55 20.12 15.94
C PHE A 11 3.62 20.78 15.10
N PRO A 12 4.35 21.80 15.57
CA PRO A 12 5.42 22.37 14.75
C PRO A 12 6.46 21.34 14.35
N GLN A 13 6.61 20.27 15.11
CA GLN A 13 7.56 19.24 14.77
C GLN A 13 7.02 18.22 13.78
N GLN A 14 5.73 18.28 13.47
CA GLN A 14 5.14 17.39 12.45
C GLN A 14 5.31 18.03 11.07
N TRP A 15 6.58 18.01 10.63
CA TRP A 15 7.00 18.74 9.45
C TRP A 15 6.30 18.27 8.19
N TYR A 16 5.87 17.00 8.16
CA TYR A 16 5.19 16.40 7.01
C TYR A 16 3.73 16.85 6.91
N LEU A 17 3.20 17.48 7.97
CA LEU A 17 1.94 18.20 7.97
C LEU A 17 2.11 19.71 8.05
N SER A 18 3.02 20.20 8.89
CA SER A 18 3.02 21.61 9.26
C SER A 18 3.97 22.47 8.42
N GLY A 19 4.64 21.89 7.42
CA GLY A 19 5.68 22.61 6.72
C GLY A 19 5.18 23.84 6.01
N VAL A 20 6.08 24.84 5.89
CA VAL A 20 5.80 26.06 5.13
C VAL A 20 6.49 26.07 3.78
N THR A 21 7.25 25.03 3.44
CA THR A 21 8.20 25.08 2.33
C THR A 21 7.91 24.06 1.25
N GLN A 22 6.72 23.47 1.23
CA GLN A 22 6.23 22.56 0.20
C GLN A 22 6.80 21.13 0.32
N ARG A 23 7.57 20.82 1.35
CA ARG A 23 7.94 19.43 1.62
C ARG A 23 6.96 18.84 2.63
N ASP A 24 5.70 18.68 2.20
CA ASP A 24 4.68 18.12 3.08
C ASP A 24 3.55 17.47 2.27
N LEU A 25 2.60 16.88 3.01
CA LEU A 25 1.48 16.14 2.44
C LEU A 25 0.27 17.01 2.15
N ASN A 26 0.39 18.33 2.30
CA ASN A 26 -0.68 19.27 1.94
C ASN A 26 -1.96 18.98 2.72
N VAL A 27 -1.79 18.69 4.02
CA VAL A 27 -2.92 18.34 4.87
C VAL A 27 -3.63 19.58 5.39
N LYS A 28 -2.88 20.66 5.69
CA LYS A 28 -3.54 21.88 6.15
C LYS A 28 -4.60 22.35 5.16
N ALA A 29 -4.31 22.18 3.87
CA ALA A 29 -5.25 22.60 2.83
C ALA A 29 -6.55 21.82 2.93
N ALA A 30 -6.47 20.53 3.26
CA ALA A 30 -7.68 19.75 3.45
C ALA A 30 -8.44 20.19 4.72
N TRP A 31 -7.72 20.36 5.83
CA TRP A 31 -8.38 20.85 7.04
C TRP A 31 -9.09 22.17 6.78
N ALA A 32 -8.45 23.07 6.03
CA ALA A 32 -9.04 24.37 5.76
C ALA A 32 -10.25 24.31 4.83
N GLN A 33 -10.36 23.25 4.02
CA GLN A 33 -11.58 22.97 3.27
C GLN A 33 -12.69 22.43 4.17
N GLY A 34 -12.40 22.15 5.44
CA GLY A 34 -13.37 21.64 6.39
C GLY A 34 -13.28 20.16 6.70
N TYR A 35 -12.29 19.45 6.18
CA TYR A 35 -12.23 17.99 6.31
C TYR A 35 -11.21 17.61 7.37
N THR A 36 -11.68 16.90 8.38
CA THR A 36 -10.85 16.48 9.50
C THR A 36 -11.06 15.01 9.84
N GLY A 37 -11.87 14.27 9.09
CA GLY A 37 -12.14 12.87 9.37
C GLY A 37 -13.38 12.59 10.18
N HIS A 38 -14.19 13.61 10.50
N HIS A 38 -14.18 13.62 10.51
CA HIS A 38 -15.40 13.39 11.27
CA HIS A 38 -15.43 13.42 11.23
C HIS A 38 -16.29 12.35 10.59
C HIS A 38 -16.24 12.32 10.57
N GLY A 39 -16.76 11.39 11.38
CA GLY A 39 -17.61 10.33 10.88
C GLY A 39 -16.90 9.14 10.27
N ILE A 40 -15.58 9.17 10.13
CA ILE A 40 -14.83 8.09 9.51
C ILE A 40 -14.18 7.25 10.61
N VAL A 41 -14.09 5.94 10.36
CA VAL A 41 -13.59 4.97 11.33
C VAL A 41 -12.41 4.24 10.71
N VAL A 42 -11.27 4.27 11.41
CA VAL A 42 -10.03 3.64 10.96
C VAL A 42 -9.58 2.62 12.01
N SER A 43 -9.04 1.49 11.54
CA SER A 43 -8.48 0.49 12.44
C SER A 43 -7.04 0.15 12.07
N ILE A 44 -6.18 0.12 13.09
CA ILE A 44 -4.76 -0.22 12.94
C ILE A 44 -4.57 -1.70 13.22
N LEU A 45 -4.13 -2.46 12.22
N LEU A 45 -4.11 -2.46 12.22
CA LEU A 45 -3.86 -3.89 12.38
CA LEU A 45 -3.86 -3.89 12.38
C LEU A 45 -2.40 -4.02 12.81
C LEU A 45 -2.40 -4.04 12.80
N ASP A 46 -2.16 -4.31 14.09
CA ASP A 46 -0.80 -4.30 14.61
C ASP A 46 -0.72 -5.02 15.97
N ASP A 47 0.09 -4.49 16.89
CA ASP A 47 0.39 -5.15 18.15
C ASP A 47 -0.46 -4.65 19.31
N GLY A 48 -1.50 -3.88 19.03
CA GLY A 48 -2.41 -3.35 20.03
C GLY A 48 -2.47 -1.83 20.00
N ILE A 49 -3.39 -1.29 20.79
CA ILE A 49 -3.58 0.16 20.88
C ILE A 49 -3.85 0.55 22.33
N GLU A 50 -3.10 1.54 22.83
CA GLU A 50 -3.28 2.07 24.17
C GLU A 50 -4.49 3.00 24.15
N LYS A 51 -5.65 2.42 24.44
CA LYS A 51 -6.90 3.13 24.21
C LYS A 51 -7.08 4.28 25.17
N ASN A 52 -6.37 4.26 26.29
CA ASN A 52 -6.41 5.31 27.29
C ASN A 52 -5.31 6.35 27.10
N HIS A 53 -4.60 6.33 25.99
CA HIS A 53 -3.59 7.34 25.77
C HIS A 53 -4.26 8.72 25.78
N PRO A 54 -3.71 9.70 26.50
N PRO A 54 -3.68 9.70 26.48
CA PRO A 54 -4.36 11.03 26.52
CA PRO A 54 -4.33 11.03 26.52
C PRO A 54 -4.59 11.64 25.15
C PRO A 54 -4.55 11.67 25.17
N ASP A 55 -3.84 11.25 24.12
CA ASP A 55 -4.03 11.80 22.79
C ASP A 55 -4.87 10.90 21.88
N LEU A 56 -5.31 9.73 22.39
CA LEU A 56 -6.18 8.83 21.63
C LEU A 56 -7.55 8.64 22.24
N ALA A 57 -7.69 8.77 23.57
CA ALA A 57 -8.92 8.36 24.23
C ALA A 57 -10.13 9.08 23.65
N GLY A 58 -9.99 10.37 23.35
CA GLY A 58 -11.14 11.12 22.87
C GLY A 58 -11.66 10.66 21.53
N ASN A 59 -10.83 9.99 20.73
CA ASN A 59 -11.23 9.47 19.44
C ASN A 59 -11.37 7.95 19.43
N TYR A 60 -11.10 7.28 20.55
CA TYR A 60 -11.04 5.83 20.55
C TYR A 60 -12.41 5.22 20.33
N ASP A 61 -12.45 4.16 19.53
CA ASP A 61 -13.69 3.50 19.14
C ASP A 61 -13.57 2.01 19.40
N PRO A 62 -14.25 1.49 20.44
CA PRO A 62 -14.21 0.04 20.67
C PRO A 62 -14.73 -0.76 19.49
N GLY A 63 -15.63 -0.18 18.70
CA GLY A 63 -16.16 -0.86 17.52
C GLY A 63 -15.17 -1.00 16.38
N ALA A 64 -14.02 -0.35 16.50
CA ALA A 64 -12.94 -0.49 15.54
C ALA A 64 -11.82 -1.38 16.07
N SER A 65 -12.08 -2.13 17.14
CA SER A 65 -11.02 -2.82 17.87
C SER A 65 -11.39 -4.25 18.21
N PHE A 66 -10.35 -5.08 18.33
CA PHE A 66 -10.47 -6.45 18.80
C PHE A 66 -9.08 -6.99 19.13
N ASP A 67 -9.06 -8.06 19.91
CA ASP A 67 -7.82 -8.75 20.27
C ASP A 67 -7.94 -10.18 19.75
N VAL A 68 -7.35 -10.44 18.57
N VAL A 68 -7.34 -10.43 18.59
CA VAL A 68 -7.37 -11.79 18.01
CA VAL A 68 -7.36 -11.77 18.01
C VAL A 68 -6.24 -12.67 18.51
C VAL A 68 -6.32 -12.67 18.64
N ASN A 69 -5.28 -12.11 19.26
CA ASN A 69 -4.24 -12.94 19.86
C ASN A 69 -4.77 -13.64 21.12
N ASP A 70 -5.53 -12.93 21.95
CA ASP A 70 -6.09 -13.50 23.17
C ASP A 70 -7.59 -13.74 23.07
N GLN A 71 -8.22 -13.42 21.93
CA GLN A 71 -9.65 -13.71 21.72
C GLN A 71 -10.54 -12.96 22.73
N ASP A 72 -10.45 -11.64 22.68
CA ASP A 72 -11.28 -10.77 23.50
C ASP A 72 -11.43 -9.44 22.81
N PRO A 73 -12.33 -8.57 23.30
CA PRO A 73 -12.57 -7.32 22.55
C PRO A 73 -11.56 -6.23 22.79
N ASP A 74 -10.65 -6.40 23.76
CA ASP A 74 -9.85 -5.31 24.30
C ASP A 74 -8.44 -5.39 23.74
N PRO A 75 -8.01 -4.43 22.87
CA PRO A 75 -6.70 -4.54 22.20
C PRO A 75 -5.57 -3.88 22.97
N GLN A 76 -5.75 -3.68 24.27
CA GLN A 76 -4.70 -3.02 25.04
C GLN A 76 -3.39 -3.79 24.89
N PRO A 77 -2.27 -3.09 24.72
CA PRO A 77 -1.00 -3.79 24.51
C PRO A 77 -0.51 -4.50 25.76
N ARG A 78 0.35 -5.49 25.53
CA ARG A 78 1.09 -6.16 26.59
C ARG A 78 2.33 -5.35 26.89
N TYR A 79 2.43 -4.83 28.10
CA TYR A 79 3.53 -3.94 28.49
C TYR A 79 4.74 -4.77 28.92
N THR A 80 5.93 -4.41 28.41
CA THR A 80 7.16 -5.10 28.77
C THR A 80 8.30 -4.10 29.00
N GLN A 81 9.37 -4.60 29.62
N GLN A 81 9.37 -4.58 29.64
CA GLN A 81 10.54 -3.77 29.89
CA GLN A 81 10.50 -3.69 29.90
C GLN A 81 11.16 -3.24 28.60
C GLN A 81 11.27 -3.30 28.65
N MET A 82 11.05 -4.01 27.52
N MET A 82 11.00 -3.95 27.52
CA MET A 82 11.66 -3.67 26.25
CA MET A 82 11.66 -3.67 26.25
C MET A 82 10.77 -2.79 25.39
C MET A 82 10.83 -2.77 25.36
N ASN A 83 9.62 -2.37 25.92
N ASN A 83 9.70 -2.26 25.84
CA ASN A 83 8.63 -1.58 25.19
CA ASN A 83 8.78 -1.45 25.05
C ASN A 83 8.30 -2.21 23.85
C ASN A 83 8.29 -2.19 23.80
N ASP A 84 8.14 -3.52 23.90
CA ASP A 84 7.41 -4.22 22.89
C ASP A 84 5.98 -3.70 22.88
N ASN A 85 5.37 -3.84 21.73
CA ASN A 85 3.95 -3.65 21.54
C ASN A 85 3.57 -2.20 21.58
N ARG A 86 4.46 -1.32 21.12
CA ARG A 86 4.13 0.10 21.04
C ARG A 86 3.72 0.54 19.65
N HIS A 87 3.90 -0.31 18.64
CA HIS A 87 3.83 0.19 17.28
C HIS A 87 2.41 0.56 16.89
N GLY A 88 1.42 -0.21 17.31
CA GLY A 88 0.05 0.13 16.98
C GLY A 88 -0.37 1.48 17.55
N THR A 89 0.11 1.79 18.76
CA THR A 89 -0.21 3.07 19.38
C THR A 89 0.41 4.22 18.59
N ARG A 90 1.66 4.05 18.14
CA ARG A 90 2.29 5.06 17.29
C ARG A 90 1.50 5.28 16.01
N CYS A 91 1.09 4.20 15.36
CA CYS A 91 0.33 4.33 14.12
C CYS A 91 -1.03 4.97 14.36
N ALA A 92 -1.71 4.59 15.44
CA ALA A 92 -3.02 5.17 15.73
C ALA A 92 -2.95 6.69 15.84
N GLY A 93 -1.92 7.20 16.52
CA GLY A 93 -1.78 8.65 16.65
C GLY A 93 -1.49 9.34 15.33
N GLU A 94 -0.80 8.66 14.42
CA GLU A 94 -0.56 9.25 13.12
C GLU A 94 -1.87 9.55 12.41
N VAL A 95 -2.82 8.61 12.52
CA VAL A 95 -4.11 8.78 11.88
C VAL A 95 -4.97 9.79 12.61
N ALA A 96 -5.06 9.66 13.95
CA ALA A 96 -6.17 10.27 14.65
C ALA A 96 -5.87 10.78 16.06
N ALA A 97 -4.64 11.17 16.32
CA ALA A 97 -4.39 11.84 17.60
C ALA A 97 -5.22 13.11 17.70
N VAL A 98 -5.73 13.34 18.92
CA VAL A 98 -6.64 14.47 19.18
C VAL A 98 -5.91 15.78 18.97
N ALA A 99 -6.63 16.77 18.46
CA ALA A 99 -6.07 18.09 18.19
C ALA A 99 -6.47 19.09 19.27
N ASN A 100 -5.60 20.09 19.50
CA ASN A 100 -5.93 21.26 20.34
C ASN A 100 -6.20 20.87 21.80
N ASN A 101 -5.48 19.86 22.29
CA ASN A 101 -5.65 19.37 23.65
C ASN A 101 -4.37 19.45 24.48
N GLY A 102 -3.35 20.16 24.02
CA GLY A 102 -2.13 20.34 24.79
C GLY A 102 -1.26 19.11 24.92
N VAL A 103 -1.50 18.07 24.14
CA VAL A 103 -0.77 16.82 24.23
C VAL A 103 -0.18 16.47 22.88
N CYS A 104 1.10 16.13 22.86
N CYS A 104 1.09 16.06 22.86
CA CYS A 104 1.83 15.61 21.69
CA CYS A 104 1.78 15.59 21.67
C CYS A 104 1.47 16.43 20.46
C CYS A 104 1.45 16.45 20.46
N GLY A 105 1.12 15.82 19.33
CA GLY A 105 0.75 16.56 18.14
C GLY A 105 -0.67 16.25 17.73
N VAL A 106 -0.92 16.05 16.43
CA VAL A 106 -2.26 15.77 15.92
C VAL A 106 -2.19 14.64 14.90
N GLY A 107 -3.32 13.99 14.72
CA GLY A 107 -3.48 13.08 13.61
C GLY A 107 -3.79 13.81 12.31
N VAL A 108 -3.50 13.13 11.19
CA VAL A 108 -3.93 13.64 9.88
C VAL A 108 -5.43 13.87 9.89
N ALA A 109 -6.19 12.92 10.43
CA ALA A 109 -7.64 12.98 10.51
C ALA A 109 -8.03 13.07 11.97
N TYR A 110 -7.77 14.24 12.56
CA TYR A 110 -7.82 14.35 14.01
C TYR A 110 -9.22 14.33 14.59
N ASN A 111 -10.27 14.26 13.75
CA ASN A 111 -11.62 14.03 14.23
C ASN A 111 -12.16 12.65 13.85
N ALA A 112 -11.34 11.80 13.25
CA ALA A 112 -11.81 10.47 12.94
C ALA A 112 -11.84 9.63 14.22
N ARG A 113 -12.58 8.52 14.16
CA ARG A 113 -12.54 7.52 15.22
C ARG A 113 -11.49 6.48 14.89
N ILE A 114 -10.81 5.98 15.92
CA ILE A 114 -9.63 5.14 15.77
C ILE A 114 -9.72 3.93 16.69
N GLY A 115 -9.38 2.77 16.15
CA GLY A 115 -9.24 1.56 16.92
C GLY A 115 -8.05 0.76 16.45
N GLY A 116 -7.90 -0.41 17.05
CA GLY A 116 -6.79 -1.28 16.69
C GLY A 116 -7.16 -2.73 16.88
N VAL A 117 -6.57 -3.59 16.05
CA VAL A 117 -6.65 -5.03 16.21
C VAL A 117 -5.30 -5.48 16.75
N ARG A 118 -5.32 -6.11 17.92
CA ARG A 118 -4.14 -6.72 18.51
C ARG A 118 -4.04 -8.08 17.85
N MET A 119 -3.18 -8.17 16.83
N MET A 119 -3.12 -8.22 16.90
CA MET A 119 -3.02 -9.40 16.07
CA MET A 119 -2.98 -9.50 16.21
C MET A 119 -1.58 -9.88 15.94
C MET A 119 -1.55 -9.86 15.85
N LEU A 120 -0.57 -9.02 16.13
CA LEU A 120 0.82 -9.38 15.91
C LEU A 120 1.53 -9.86 17.18
N ASP A 121 0.87 -9.86 18.32
CA ASP A 121 1.51 -10.27 19.57
C ASP A 121 1.14 -11.71 19.91
N GLY A 122 1.57 -12.60 19.02
CA GLY A 122 1.23 -14.01 19.06
C GLY A 122 1.45 -14.59 17.68
N GLU A 123 1.13 -15.87 17.57
CA GLU A 123 1.30 -16.55 16.28
C GLU A 123 0.31 -16.01 15.27
N VAL A 124 0.80 -15.57 14.11
CA VAL A 124 -0.06 -15.00 13.08
C VAL A 124 -0.37 -16.13 12.09
N THR A 125 -1.57 -16.67 12.20
CA THR A 125 -2.06 -17.70 11.32
C THR A 125 -3.00 -17.07 10.28
N ASP A 126 -3.34 -17.86 9.27
CA ASP A 126 -4.33 -17.43 8.29
C ASP A 126 -5.63 -17.02 8.95
N ALA A 127 -6.09 -17.79 9.92
CA ALA A 127 -7.33 -17.45 10.62
C ALA A 127 -7.22 -16.12 11.36
N VAL A 128 -6.08 -15.90 12.03
CA VAL A 128 -5.86 -14.63 12.72
C VAL A 128 -5.95 -13.47 11.73
N GLU A 129 -5.28 -13.61 10.59
CA GLU A 129 -5.32 -12.55 9.58
C GLU A 129 -6.73 -12.33 9.08
N ALA A 130 -7.48 -13.40 8.82
CA ALA A 130 -8.81 -13.24 8.25
C ALA A 130 -9.75 -12.57 9.24
N ARG A 131 -9.64 -12.94 10.51
CA ARG A 131 -10.49 -12.35 11.54
C ARG A 131 -10.17 -10.89 11.77
N SER A 132 -8.95 -10.44 11.45
CA SER A 132 -8.54 -9.06 11.59
C SER A 132 -8.98 -8.23 10.40
N LEU A 133 -8.69 -8.69 9.18
CA LEU A 133 -9.11 -7.99 7.98
C LEU A 133 -10.62 -7.91 7.90
N GLY A 134 -11.31 -8.91 8.45
CA GLY A 134 -12.75 -9.00 8.44
C GLY A 134 -13.43 -8.41 9.66
N LEU A 135 -12.72 -7.66 10.48
CA LEU A 135 -13.33 -7.09 11.67
C LEU A 135 -14.38 -6.05 11.30
N ASN A 136 -15.59 -6.22 11.82
CA ASN A 136 -16.65 -5.22 11.80
C ASN A 136 -16.67 -4.41 10.51
N PRO A 137 -16.85 -5.07 9.35
CA PRO A 137 -16.61 -4.39 8.06
C PRO A 137 -17.72 -3.45 7.62
N ASN A 138 -18.83 -3.39 8.34
CA ASN A 138 -19.80 -2.35 8.10
C ASN A 138 -19.73 -1.22 9.11
N HIS A 139 -18.71 -1.24 9.97
CA HIS A 139 -18.42 -0.12 10.86
C HIS A 139 -17.08 0.53 10.55
N ILE A 140 -16.03 -0.26 10.38
CA ILE A 140 -14.72 0.25 10.03
C ILE A 140 -14.71 0.59 8.55
N HIS A 141 -14.22 1.77 8.20
CA HIS A 141 -14.13 2.16 6.80
C HIS A 141 -12.78 1.81 6.19
N ILE A 142 -11.71 2.02 6.95
CA ILE A 142 -10.33 1.98 6.48
C ILE A 142 -9.53 1.15 7.47
N TYR A 143 -8.74 0.22 6.94
CA TYR A 143 -7.82 -0.61 7.71
C TYR A 143 -6.41 -0.25 7.30
N SER A 144 -5.52 -0.10 8.30
CA SER A 144 -4.13 0.26 8.05
C SER A 144 -3.25 -0.87 8.55
N ALA A 145 -2.43 -1.43 7.67
CA ALA A 145 -1.53 -2.51 8.03
C ALA A 145 -0.13 -2.20 7.55
N SER A 146 0.83 -2.28 8.46
CA SER A 146 2.19 -1.84 8.18
C SER A 146 3.18 -2.98 7.98
N TRP A 147 2.71 -4.23 7.97
CA TRP A 147 3.59 -5.40 8.04
C TRP A 147 3.03 -6.53 7.19
N GLY A 148 3.86 -7.55 7.00
CA GLY A 148 3.49 -8.70 6.21
C GLY A 148 4.50 -9.82 6.38
N PRO A 149 4.70 -10.60 5.33
CA PRO A 149 5.75 -11.63 5.39
C PRO A 149 7.12 -11.00 5.63
N GLU A 150 8.05 -11.82 6.07
N GLU A 150 8.05 -11.82 6.10
CA GLU A 150 9.36 -11.34 6.48
CA GLU A 150 9.35 -11.32 6.51
C GLU A 150 10.03 -10.54 5.37
C GLU A 150 10.03 -10.55 5.38
N ASP A 151 10.59 -9.40 5.74
CA ASP A 151 11.31 -8.52 4.81
C ASP A 151 12.80 -8.91 4.75
N ASP A 152 13.05 -10.20 4.56
CA ASP A 152 14.41 -10.72 4.53
C ASP A 152 15.01 -10.79 3.13
N GLY A 153 14.23 -10.44 2.10
CA GLY A 153 14.75 -10.50 0.75
C GLY A 153 14.84 -11.89 0.19
N LYS A 154 14.25 -12.88 0.88
CA LYS A 154 14.23 -14.23 0.38
C LYS A 154 12.87 -14.89 0.44
N THR A 155 11.85 -14.22 0.96
CA THR A 155 10.54 -14.84 1.14
C THR A 155 9.61 -14.44 0.01
N VAL A 156 8.82 -15.41 -0.46
CA VAL A 156 7.68 -15.16 -1.32
C VAL A 156 6.46 -15.72 -0.59
N ASP A 157 5.56 -14.84 -0.14
CA ASP A 157 4.37 -15.31 0.54
C ASP A 157 3.32 -14.23 0.52
N GLY A 158 2.09 -14.64 0.76
CA GLY A 158 0.96 -13.76 0.69
C GLY A 158 -0.19 -14.37 1.48
N PRO A 159 -1.35 -13.73 1.40
CA PRO A 159 -2.51 -14.26 2.13
C PRO A 159 -2.86 -15.67 1.69
N ALA A 160 -3.04 -16.55 2.67
CA ALA A 160 -3.56 -17.89 2.47
C ALA A 160 -5.08 -17.77 2.29
N ARG A 161 -5.80 -18.89 2.33
CA ARG A 161 -7.14 -18.90 1.76
C ARG A 161 -8.12 -18.04 2.56
N LEU A 162 -8.09 -18.13 3.89
CA LEU A 162 -9.05 -17.37 4.67
C LEU A 162 -8.79 -15.87 4.54
N ALA A 163 -7.52 -15.45 4.56
CA ALA A 163 -7.20 -14.04 4.43
C ALA A 163 -7.56 -13.52 3.04
N GLU A 164 -7.29 -14.31 1.99
CA GLU A 164 -7.70 -13.89 0.65
C GLU A 164 -9.23 -13.76 0.56
N GLU A 165 -9.96 -14.72 1.14
CA GLU A 165 -11.42 -14.61 1.17
C GLU A 165 -11.84 -13.36 1.93
N ALA A 166 -11.10 -12.99 2.97
CA ALA A 166 -11.43 -11.78 3.72
C ALA A 166 -11.23 -10.54 2.86
N PHE A 167 -10.17 -10.50 2.06
CA PHE A 167 -10.01 -9.36 1.15
C PHE A 167 -11.19 -9.28 0.17
N PHE A 168 -11.61 -10.41 -0.40
N PHE A 168 -11.53 -10.45 -0.43
CA PHE A 168 -12.67 -10.31 -1.42
CA PHE A 168 -12.63 -10.55 -1.38
C PHE A 168 -14.01 -10.01 -0.78
C PHE A 168 -13.90 -10.01 -0.75
N ARG A 169 -14.27 -10.55 0.42
CA ARG A 169 -15.50 -10.18 1.11
C ARG A 169 -15.47 -8.70 1.48
N GLY A 170 -14.30 -8.21 1.89
CA GLY A 170 -14.19 -6.82 2.30
C GLY A 170 -14.46 -5.86 1.17
N VAL A 171 -13.80 -6.06 0.01
CA VAL A 171 -13.97 -5.14 -1.08
C VAL A 171 -15.33 -5.30 -1.75
N SER A 172 -15.97 -6.47 -1.62
CA SER A 172 -17.23 -6.71 -2.30
C SER A 172 -18.44 -6.29 -1.47
N GLN A 173 -18.52 -6.74 -0.23
CA GLN A 173 -19.67 -6.46 0.62
C GLN A 173 -19.36 -5.47 1.75
N GLY A 174 -18.09 -5.26 2.07
CA GLY A 174 -17.75 -4.33 3.13
C GLY A 174 -18.19 -2.92 2.83
N ARG A 175 -18.35 -2.13 3.90
CA ARG A 175 -18.71 -0.72 3.79
C ARG A 175 -19.98 -0.55 2.94
N GLY A 176 -20.99 -1.34 3.27
CA GLY A 176 -22.26 -1.26 2.56
C GLY A 176 -22.20 -1.57 1.09
N GLY A 177 -21.21 -2.36 0.67
CA GLY A 177 -21.04 -2.67 -0.73
C GLY A 177 -20.10 -1.76 -1.47
N LEU A 178 -19.60 -0.71 -0.83
CA LEU A 178 -18.60 0.15 -1.46
C LEU A 178 -17.20 -0.41 -1.36
N GLY A 179 -16.95 -1.32 -0.41
CA GLY A 179 -15.68 -1.98 -0.24
C GLY A 179 -14.80 -1.39 0.85
N SER A 180 -14.35 -2.24 1.77
CA SER A 180 -13.33 -1.85 2.73
C SER A 180 -12.12 -1.29 2.01
N ILE A 181 -11.50 -0.28 2.60
CA ILE A 181 -10.25 0.27 2.08
C ILE A 181 -9.11 -0.26 2.93
N PHE A 182 -8.27 -1.10 2.31
CA PHE A 182 -7.11 -1.67 2.97
C PHE A 182 -5.87 -0.91 2.53
N VAL A 183 -5.23 -0.22 3.45
CA VAL A 183 -4.00 0.53 3.19
C VAL A 183 -2.82 -0.29 3.71
N TRP A 184 -1.78 -0.46 2.88
CA TRP A 184 -0.66 -1.32 3.20
C TRP A 184 0.67 -0.60 3.02
N ALA A 185 1.61 -0.92 3.89
CA ALA A 185 2.98 -0.47 3.71
C ALA A 185 3.70 -1.44 2.79
N SER A 186 4.46 -0.92 1.85
CA SER A 186 5.08 -1.79 0.85
C SER A 186 6.30 -2.56 1.37
N GLY A 187 6.84 -2.21 2.54
CA GLY A 187 7.84 -3.03 3.18
C GLY A 187 9.04 -2.24 3.65
N ASN A 188 9.83 -2.90 4.51
CA ASN A 188 11.04 -2.32 5.09
C ASN A 188 12.31 -3.09 4.69
N GLY A 189 12.24 -3.91 3.66
CA GLY A 189 13.35 -4.78 3.29
C GLY A 189 14.44 -4.23 2.40
N GLY A 190 14.57 -2.91 2.30
CA GLY A 190 15.52 -2.32 1.37
C GLY A 190 16.95 -2.79 1.56
N ARG A 191 17.42 -2.90 2.81
CA ARG A 191 18.83 -3.26 2.97
C ARG A 191 19.09 -4.72 2.62
N GLU A 192 18.04 -5.54 2.59
CA GLU A 192 18.11 -6.92 2.13
C GLU A 192 17.83 -7.05 0.64
N HIS A 193 17.73 -5.93 -0.08
CA HIS A 193 17.42 -5.91 -1.52
C HIS A 193 16.10 -6.61 -1.80
N ASP A 194 15.14 -6.46 -0.90
CA ASP A 194 13.84 -7.06 -1.10
C ASP A 194 13.09 -6.31 -2.21
N SER A 195 12.20 -7.04 -2.88
CA SER A 195 11.47 -6.58 -4.07
C SER A 195 10.01 -6.87 -3.76
N CYS A 196 9.18 -5.83 -3.61
CA CYS A 196 7.96 -5.99 -2.81
C CYS A 196 6.80 -6.69 -3.54
N ASN A 197 6.89 -6.98 -4.84
CA ASN A 197 5.82 -7.83 -5.39
C ASN A 197 5.87 -9.25 -4.83
N CYS A 198 6.94 -9.62 -4.11
CA CYS A 198 7.05 -10.90 -3.45
C CYS A 198 6.29 -10.96 -2.13
N ASP A 199 5.65 -9.86 -1.72
CA ASP A 199 4.75 -9.75 -0.58
C ASP A 199 3.35 -9.67 -1.15
N GLY A 200 2.58 -10.74 -0.99
CA GLY A 200 1.25 -10.86 -1.58
C GLY A 200 0.21 -9.93 -1.00
N TYR A 201 0.50 -9.33 0.16
CA TYR A 201 -0.42 -8.37 0.73
C TYR A 201 -0.30 -7.03 0.02
N THR A 202 0.92 -6.49 -0.06
CA THR A 202 1.09 -5.24 -0.79
C THR A 202 0.88 -5.43 -2.30
N ASN A 203 1.22 -6.60 -2.83
CA ASN A 203 1.04 -6.91 -4.25
C ASN A 203 -0.42 -7.11 -4.65
N SER A 204 -1.34 -7.15 -3.69
CA SER A 204 -2.75 -7.34 -3.99
C SER A 204 -3.34 -6.08 -4.61
N ILE A 205 -4.30 -6.31 -5.53
CA ILE A 205 -5.07 -5.18 -6.05
C ILE A 205 -5.98 -4.57 -5.00
N TYR A 206 -6.33 -5.35 -3.96
CA TYR A 206 -7.29 -4.93 -2.96
C TYR A 206 -6.66 -4.06 -1.90
N THR A 207 -5.34 -3.95 -1.90
CA THR A 207 -4.66 -3.08 -0.96
C THR A 207 -4.12 -1.87 -1.70
N LEU A 208 -4.21 -0.73 -1.04
CA LEU A 208 -3.72 0.55 -1.56
C LEU A 208 -2.34 0.74 -0.93
N SER A 209 -1.30 0.50 -1.72
CA SER A 209 0.05 0.30 -1.18
C SER A 209 0.89 1.56 -1.24
N ILE A 210 1.66 1.80 -0.17
CA ILE A 210 2.30 3.07 0.11
C ILE A 210 3.77 2.83 0.45
N SER A 211 4.66 3.61 -0.17
CA SER A 211 6.08 3.63 0.14
C SER A 211 6.45 4.96 0.80
N SER A 212 7.76 5.15 1.01
CA SER A 212 8.27 6.26 1.81
C SER A 212 9.21 7.16 1.03
N ALA A 213 9.27 8.43 1.45
CA ALA A 213 10.32 9.35 1.02
C ALA A 213 10.90 10.01 2.26
N THR A 214 12.20 10.29 2.23
CA THR A 214 12.83 10.97 3.35
C THR A 214 12.52 12.47 3.29
N GLN A 215 12.87 13.18 4.37
CA GLN A 215 12.59 14.62 4.43
C GLN A 215 13.21 15.38 3.26
N PHE A 216 14.42 15.01 2.85
CA PHE A 216 15.09 15.70 1.75
C PHE A 216 14.65 15.17 0.37
N GLY A 217 13.65 14.28 0.35
CA GLY A 217 13.08 13.82 -0.90
C GLY A 217 13.79 12.65 -1.54
N ASN A 218 14.40 11.79 -0.76
CA ASN A 218 15.16 10.65 -1.27
C ASN A 218 14.50 9.34 -0.90
N VAL A 219 14.95 8.28 -1.57
CA VAL A 219 14.47 6.92 -1.30
C VAL A 219 15.20 6.43 -0.05
N PRO A 220 14.48 6.17 1.04
CA PRO A 220 15.14 5.74 2.28
C PRO A 220 15.82 4.38 2.16
N TRP A 221 16.80 4.17 3.04
CA TRP A 221 17.52 2.91 3.05
C TRP A 221 16.62 1.68 3.09
N TYR A 222 15.48 1.76 3.78
CA TYR A 222 14.62 0.62 4.02
C TYR A 222 13.60 0.37 2.91
N SER A 223 13.49 1.26 1.93
CA SER A 223 12.45 1.14 0.91
C SER A 223 12.64 -0.09 0.02
N GLU A 224 11.52 -0.70 -0.37
CA GLU A 224 11.49 -1.73 -1.40
C GLU A 224 10.83 -1.14 -2.62
N ALA A 225 11.43 -1.36 -3.79
CA ALA A 225 10.83 -0.97 -5.06
C ALA A 225 9.97 -2.12 -5.60
N CYS A 226 8.82 -1.77 -6.16
CA CYS A 226 8.05 -2.75 -6.91
C CYS A 226 6.94 -2.05 -7.68
N SER A 227 6.41 -2.76 -8.70
CA SER A 227 5.39 -2.19 -9.56
C SER A 227 4.02 -2.13 -8.90
N SER A 228 3.81 -2.83 -7.79
CA SER A 228 2.49 -2.83 -7.16
C SER A 228 2.23 -1.58 -6.33
N THR A 229 3.26 -0.85 -5.94
CA THR A 229 3.05 0.34 -5.12
C THR A 229 2.26 1.41 -5.87
N LEU A 230 1.42 2.13 -5.14
N LEU A 230 1.38 2.10 -5.14
CA LEU A 230 0.59 3.16 -5.74
CA LEU A 230 0.58 3.17 -5.74
C LEU A 230 1.01 4.59 -5.41
C LEU A 230 1.13 4.57 -5.47
N ALA A 231 1.55 4.86 -4.22
CA ALA A 231 1.90 6.22 -3.84
C ALA A 231 2.80 6.20 -2.62
N THR A 232 3.15 7.42 -2.15
CA THR A 232 4.19 7.66 -1.16
C THR A 232 3.72 8.65 -0.10
N THR A 233 4.17 8.43 1.13
CA THR A 233 4.14 9.48 2.14
C THR A 233 5.53 9.61 2.76
N TYR A 234 5.78 10.78 3.35
CA TYR A 234 7.03 10.99 4.05
C TYR A 234 7.16 10.05 5.25
N SER A 235 8.42 9.67 5.53
CA SER A 235 8.81 8.98 6.75
C SER A 235 10.25 9.34 7.07
N SER A 236 10.95 8.45 7.78
CA SER A 236 12.29 8.70 8.27
C SER A 236 13.35 8.44 7.19
N GLY A 237 14.56 8.92 7.46
CA GLY A 237 15.72 8.78 6.61
C GLY A 237 17.01 8.70 7.43
N ASN A 238 17.97 9.55 7.11
CA ASN A 238 19.25 9.55 7.81
C ASN A 238 19.13 10.39 9.08
N GLN A 239 20.23 10.53 9.81
CA GLN A 239 20.13 11.15 11.13
C GLN A 239 20.10 12.67 11.09
N ASN A 240 20.24 13.26 9.90
CA ASN A 240 20.03 14.68 9.71
C ASN A 240 18.61 15.02 9.28
N GLU A 241 17.79 14.01 9.00
CA GLU A 241 16.42 14.17 8.54
C GLU A 241 15.48 13.87 9.69
N LYS A 242 14.37 14.61 9.75
CA LYS A 242 13.39 14.41 10.81
C LYS A 242 12.61 13.12 10.57
N GLN A 243 11.89 12.71 11.61
CA GLN A 243 11.14 11.45 11.61
C GLN A 243 9.67 11.74 11.90
N ILE A 244 8.91 10.70 12.20
CA ILE A 244 7.49 10.84 12.46
C ILE A 244 7.28 11.08 13.94
N VAL A 245 6.40 12.05 14.25
CA VAL A 245 6.12 12.50 15.61
C VAL A 245 4.70 12.06 15.95
N THR A 246 4.53 11.30 17.03
CA THR A 246 3.24 10.70 17.29
C THR A 246 3.14 10.23 18.75
N THR A 247 1.99 9.62 19.06
CA THR A 247 1.73 9.03 20.36
C THR A 247 2.58 7.78 20.57
N ASP A 248 3.00 7.56 21.81
CA ASP A 248 3.79 6.38 22.15
C ASP A 248 3.19 5.69 23.37
N LEU A 249 3.49 4.42 23.47
CA LEU A 249 3.06 3.60 24.59
C LEU A 249 3.49 4.22 25.91
N ARG A 250 2.70 3.98 26.95
CA ARG A 250 2.88 4.56 28.28
C ARG A 250 2.56 6.06 28.32
N GLN A 251 1.60 6.50 27.49
CA GLN A 251 1.03 7.84 27.59
C GLN A 251 2.06 8.91 27.29
N LYS A 252 2.98 8.58 26.38
N LYS A 252 2.98 8.56 26.39
CA LYS A 252 4.13 9.36 26.02
CA LYS A 252 4.13 9.35 26.02
C LYS A 252 4.00 9.85 24.58
C LYS A 252 3.97 9.84 24.58
N CYS A 253 5.04 10.54 24.11
N CYS A 253 4.88 10.72 24.19
CA CYS A 253 5.06 11.12 22.77
CA CYS A 253 5.05 11.04 22.77
C CYS A 253 6.44 10.89 22.18
C CYS A 253 6.38 10.45 22.29
N THR A 254 6.51 10.35 20.98
CA THR A 254 7.77 10.03 20.35
C THR A 254 8.02 10.95 19.17
N GLU A 255 9.30 11.21 18.90
CA GLU A 255 9.74 11.95 17.71
C GLU A 255 10.53 11.05 16.76
N SER A 256 10.54 9.74 17.02
CA SER A 256 11.43 8.82 16.32
C SER A 256 10.68 7.57 15.83
N HIS A 257 9.50 7.78 15.27
CA HIS A 257 8.76 6.73 14.58
C HIS A 257 9.23 6.72 13.12
N THR A 258 9.42 5.51 12.56
CA THR A 258 10.24 5.38 11.36
C THR A 258 9.71 4.32 10.41
N GLY A 259 10.30 4.28 9.20
CA GLY A 259 10.09 3.20 8.26
C GLY A 259 8.87 3.35 7.39
N THR A 260 8.76 2.45 6.41
CA THR A 260 7.55 2.43 5.58
C THR A 260 6.34 2.09 6.44
N SER A 261 6.56 1.36 7.53
CA SER A 261 5.52 1.04 8.49
C SER A 261 4.97 2.29 9.19
N ALA A 262 5.65 3.44 9.10
CA ALA A 262 5.07 4.71 9.54
C ALA A 262 4.39 5.48 8.41
N SER A 263 4.60 5.07 7.16
CA SER A 263 4.00 5.77 6.04
C SER A 263 2.54 5.35 5.81
N ALA A 264 2.24 4.07 5.95
CA ALA A 264 0.88 3.62 5.69
C ALA A 264 -0.15 4.32 6.57
N PRO A 265 0.10 4.52 7.87
CA PRO A 265 -0.91 5.22 8.68
C PRO A 265 -1.16 6.63 8.20
N LEU A 266 -0.13 7.35 7.77
CA LEU A 266 -0.36 8.70 7.27
C LEU A 266 -1.25 8.68 6.03
N ALA A 267 -1.04 7.71 5.15
CA ALA A 267 -1.92 7.55 3.99
C ALA A 267 -3.34 7.22 4.44
N ALA A 268 -3.50 6.33 5.42
CA ALA A 268 -4.83 6.02 5.94
C ALA A 268 -5.54 7.26 6.46
N GLY A 269 -4.81 8.15 7.13
CA GLY A 269 -5.41 9.41 7.55
C GLY A 269 -5.85 10.28 6.38
N ILE A 270 -5.03 10.37 5.34
CA ILE A 270 -5.42 11.17 4.18
C ILE A 270 -6.66 10.57 3.52
N ILE A 271 -6.69 9.24 3.44
CA ILE A 271 -7.85 8.55 2.85
C ILE A 271 -9.08 8.81 3.69
N ALA A 272 -8.92 8.93 5.01
CA ALA A 272 -10.06 9.26 5.87
C ALA A 272 -10.59 10.65 5.57
N LEU A 273 -9.71 11.64 5.40
CA LEU A 273 -10.20 12.96 5.01
C LEU A 273 -10.96 12.89 3.70
N THR A 274 -10.46 12.11 2.75
CA THR A 274 -11.06 11.98 1.43
C THR A 274 -12.43 11.33 1.50
N LEU A 275 -12.56 10.29 2.32
N LEU A 275 -12.58 10.32 2.35
CA LEU A 275 -13.88 9.66 2.51
CA LEU A 275 -13.88 9.66 2.50
C LEU A 275 -14.87 10.65 3.11
C LEU A 275 -14.89 10.56 3.22
N GLU A 276 -14.44 11.45 4.11
CA GLU A 276 -15.36 12.45 4.65
C GLU A 276 -15.85 13.36 3.53
N ALA A 277 -14.99 13.69 2.58
CA ALA A 277 -15.37 14.57 1.49
C ALA A 277 -16.36 13.90 0.54
N ASN A 278 -16.36 12.57 0.46
CA ASN A 278 -17.34 11.87 -0.38
C ASN A 278 -17.46 10.45 0.16
N LYS A 279 -18.49 10.22 0.98
CA LYS A 279 -18.64 8.93 1.65
C LYS A 279 -19.05 7.82 0.71
N ASN A 280 -19.40 8.15 -0.53
N ASN A 280 -19.44 8.14 -0.52
CA ASN A 280 -19.87 7.17 -1.48
CA ASN A 280 -19.87 7.13 -1.48
C ASN A 280 -18.75 6.59 -2.34
C ASN A 280 -18.75 6.71 -2.42
N LEU A 281 -17.50 6.98 -2.09
CA LEU A 281 -16.39 6.48 -2.89
C LEU A 281 -16.22 4.98 -2.66
N THR A 282 -16.00 4.24 -3.75
CA THR A 282 -15.72 2.82 -3.63
C THR A 282 -14.23 2.60 -3.41
N TRP A 283 -13.89 1.35 -3.09
CA TRP A 283 -12.48 1.00 -2.89
C TRP A 283 -11.66 1.27 -4.14
N ARG A 284 -12.25 1.07 -5.33
CA ARG A 284 -11.56 1.41 -6.56
C ARG A 284 -11.52 2.90 -6.83
N ASP A 285 -12.63 3.61 -6.56
CA ASP A 285 -12.58 5.07 -6.71
C ASP A 285 -11.39 5.63 -5.94
N MET A 286 -11.17 5.15 -4.71
CA MET A 286 -10.11 5.71 -3.88
C MET A 286 -8.75 5.53 -4.55
N GLN A 287 -8.53 4.38 -5.19
CA GLN A 287 -7.26 4.17 -5.88
C GLN A 287 -7.12 5.09 -7.08
N HIS A 288 -8.22 5.32 -7.82
CA HIS A 288 -8.22 6.27 -8.92
C HIS A 288 -7.83 7.68 -8.43
N LEU A 289 -8.40 8.10 -7.30
CA LEU A 289 -8.08 9.42 -6.78
C LEU A 289 -6.59 9.54 -6.46
N VAL A 290 -6.03 8.49 -5.88
CA VAL A 290 -4.60 8.50 -5.55
C VAL A 290 -3.77 8.60 -6.83
N VAL A 291 -4.12 7.83 -7.85
CA VAL A 291 -3.36 7.87 -9.09
C VAL A 291 -3.39 9.28 -9.67
N GLN A 292 -4.57 9.91 -9.67
CA GLN A 292 -4.73 11.17 -10.35
C GLN A 292 -4.11 12.35 -9.60
N THR A 293 -4.07 12.31 -8.26
CA THR A 293 -3.67 13.50 -7.50
C THR A 293 -2.26 13.44 -6.92
N SER A 294 -1.59 12.29 -6.93
CA SER A 294 -0.29 12.20 -6.29
C SER A 294 0.77 12.93 -7.12
N LYS A 295 1.82 13.38 -6.43
CA LYS A 295 2.72 14.39 -6.99
C LYS A 295 4.16 13.88 -7.01
N PRO A 296 4.76 13.70 -8.19
CA PRO A 296 6.18 13.28 -8.24
C PRO A 296 7.15 14.38 -7.86
N ALA A 297 6.72 15.63 -7.87
CA ALA A 297 7.67 16.74 -7.85
C ALA A 297 8.55 16.63 -6.62
N HIS A 298 9.85 16.82 -6.83
CA HIS A 298 10.83 16.89 -5.74
C HIS A 298 11.09 15.55 -5.08
N LEU A 299 10.59 14.45 -5.61
CA LEU A 299 11.01 13.15 -5.15
C LEU A 299 12.08 12.63 -6.09
N ASN A 300 13.25 12.30 -5.54
CA ASN A 300 14.41 11.90 -6.34
C ASN A 300 14.43 10.39 -6.55
N ALA A 301 14.44 9.95 -7.81
CA ALA A 301 14.69 8.55 -8.14
C ALA A 301 15.23 8.48 -9.55
N ASN A 302 15.98 7.43 -9.85
CA ASN A 302 16.55 7.31 -11.20
C ASN A 302 15.63 6.57 -12.17
N ASP A 303 14.43 6.21 -11.75
CA ASP A 303 13.56 5.39 -12.58
C ASP A 303 12.24 6.06 -12.90
N TRP A 304 12.13 7.38 -12.76
CA TRP A 304 10.89 8.03 -13.14
C TRP A 304 10.67 7.83 -14.63
N ALA A 305 9.48 7.36 -14.99
CA ALA A 305 9.15 7.14 -16.38
C ALA A 305 7.73 7.60 -16.63
N THR A 306 7.49 8.11 -17.84
CA THR A 306 6.18 8.59 -18.22
C THR A 306 5.43 7.46 -18.89
N ASN A 307 4.25 7.15 -18.38
CA ASN A 307 3.49 6.02 -18.90
C ASN A 307 2.65 6.45 -20.10
N GLY A 308 1.73 5.60 -20.54
CA GLY A 308 1.05 5.84 -21.80
C GLY A 308 0.02 6.93 -21.76
N VAL A 309 -0.38 7.36 -20.57
CA VAL A 309 -1.32 8.44 -20.42
C VAL A 309 -0.65 9.69 -19.84
N GLY A 310 0.67 9.74 -19.87
CA GLY A 310 1.39 10.95 -19.54
C GLY A 310 1.69 11.15 -18.07
N ARG A 311 1.43 10.17 -17.23
CA ARG A 311 1.75 10.28 -15.81
C ARG A 311 3.14 9.73 -15.52
N LYS A 312 3.87 10.40 -14.64
CA LYS A 312 5.16 9.89 -14.20
C LYS A 312 4.95 8.86 -13.10
N VAL A 313 5.73 7.78 -13.16
N VAL A 313 5.71 7.77 -13.18
CA VAL A 313 5.59 6.69 -12.20
CA VAL A 313 5.61 6.66 -12.24
C VAL A 313 6.96 6.09 -11.93
C VAL A 313 7.01 6.16 -11.91
N SER A 314 7.18 5.72 -10.67
CA SER A 314 8.43 5.16 -10.20
C SER A 314 8.13 3.90 -9.40
N HIS A 315 9.06 2.94 -9.43
CA HIS A 315 8.87 1.75 -8.61
C HIS A 315 9.16 2.03 -7.14
N SER A 316 9.84 3.13 -6.83
CA SER A 316 10.05 3.49 -5.43
C SER A 316 8.89 4.26 -4.84
N TYR A 317 8.21 5.06 -5.68
CA TYR A 317 7.22 6.00 -5.20
C TYR A 317 5.82 5.83 -5.77
N GLY A 318 5.61 4.89 -6.69
CA GLY A 318 4.34 4.87 -7.39
C GLY A 318 4.13 6.17 -8.15
N TYR A 319 2.95 6.75 -8.00
CA TYR A 319 2.59 8.01 -8.65
C TYR A 319 3.07 9.25 -7.90
N GLY A 320 3.74 9.05 -6.77
CA GLY A 320 4.33 10.16 -6.08
C GLY A 320 3.75 10.39 -4.69
N LEU A 321 4.02 11.58 -4.15
N LEU A 321 3.98 11.58 -4.16
CA LEU A 321 3.55 11.91 -2.81
CA LEU A 321 3.57 11.89 -2.79
C LEU A 321 2.04 12.11 -2.80
C LEU A 321 2.08 12.18 -2.75
N LEU A 322 1.38 11.59 -1.77
CA LEU A 322 -0.02 11.91 -1.59
C LEU A 322 -0.16 13.40 -1.31
N ASP A 323 -1.28 13.97 -1.79
CA ASP A 323 -1.59 15.39 -1.70
C ASP A 323 -3.01 15.46 -1.14
N ALA A 324 -3.12 15.71 0.17
CA ALA A 324 -4.43 15.62 0.82
C ALA A 324 -5.40 16.67 0.30
N GLY A 325 -4.94 17.92 0.14
CA GLY A 325 -5.82 18.95 -0.38
C GLY A 325 -6.39 18.61 -1.75
N ALA A 326 -5.56 18.01 -2.61
CA ALA A 326 -6.02 17.62 -3.95
C ALA A 326 -6.97 16.43 -3.88
N MET A 327 -6.66 15.46 -3.02
CA MET A 327 -7.54 14.32 -2.83
C MET A 327 -8.95 14.75 -2.43
N VAL A 328 -9.07 15.61 -1.41
CA VAL A 328 -10.41 15.97 -0.93
C VAL A 328 -11.13 16.81 -1.97
N ALA A 329 -10.40 17.67 -2.69
CA ALA A 329 -11.03 18.50 -3.72
C ALA A 329 -11.58 17.64 -4.85
N LEU A 330 -10.79 16.68 -5.33
CA LEU A 330 -11.25 15.84 -6.45
C LEU A 330 -12.33 14.86 -6.00
N ALA A 331 -12.33 14.45 -4.73
CA ALA A 331 -13.34 13.52 -4.25
C ALA A 331 -14.74 14.09 -4.34
N GLN A 332 -14.89 15.40 -4.15
CA GLN A 332 -16.21 15.94 -3.89
C GLN A 332 -17.18 15.70 -5.03
N ASN A 333 -16.75 15.91 -6.27
CA ASN A 333 -17.65 15.68 -7.40
C ASN A 333 -17.25 14.46 -8.23
N TRP A 334 -16.50 13.53 -7.63
CA TRP A 334 -16.08 12.34 -8.36
C TRP A 334 -17.28 11.48 -8.77
N THR A 335 -17.26 11.01 -10.02
CA THR A 335 -18.27 10.11 -10.53
C THR A 335 -17.79 8.67 -10.33
N THR A 336 -18.62 7.87 -9.69
CA THR A 336 -18.27 6.48 -9.41
C THR A 336 -17.83 5.77 -10.68
N VAL A 337 -16.73 5.01 -10.58
CA VAL A 337 -16.27 4.26 -11.74
C VAL A 337 -17.25 3.13 -12.08
N ALA A 338 -17.20 2.71 -13.34
CA ALA A 338 -18.03 1.63 -13.81
C ALA A 338 -17.64 0.33 -13.12
N PRO A 339 -18.50 -0.68 -13.17
CA PRO A 339 -18.17 -1.97 -12.56
C PRO A 339 -16.87 -2.52 -13.10
N GLN A 340 -16.15 -3.25 -12.24
CA GLN A 340 -14.84 -3.77 -12.57
C GLN A 340 -14.97 -4.97 -13.51
N ARG A 341 -14.28 -4.88 -14.64
CA ARG A 341 -14.15 -5.98 -15.56
C ARG A 341 -12.81 -6.68 -15.33
N LYS A 342 -12.74 -7.93 -15.79
CA LYS A 342 -11.55 -8.78 -15.66
C LYS A 342 -11.40 -9.60 -16.93
N CYS A 343 -10.31 -9.38 -17.65
CA CYS A 343 -10.05 -10.06 -18.92
C CYS A 343 -8.87 -11.01 -18.71
N ILE A 344 -9.13 -12.30 -18.90
CA ILE A 344 -8.16 -13.38 -18.65
C ILE A 344 -7.61 -13.84 -19.98
N ILE A 345 -6.29 -13.81 -20.14
CA ILE A 345 -5.62 -14.23 -21.37
C ILE A 345 -4.53 -15.24 -21.02
N ASP A 346 -4.75 -16.51 -21.37
CA ASP A 346 -3.71 -17.53 -21.24
C ASP A 346 -2.76 -17.38 -22.42
N ILE A 347 -1.49 -17.13 -22.14
CA ILE A 347 -0.56 -16.63 -23.17
C ILE A 347 0.16 -17.75 -23.89
N LEU A 348 0.73 -18.72 -23.17
CA LEU A 348 1.68 -19.65 -23.78
C LEU A 348 0.98 -20.75 -24.56
N THR A 349 1.55 -21.12 -25.70
CA THR A 349 1.05 -22.30 -26.40
C THR A 349 1.82 -23.55 -26.01
N GLU A 350 2.98 -23.40 -25.36
CA GLU A 350 3.82 -24.48 -24.89
C GLU A 350 4.71 -23.93 -23.79
N PRO A 351 5.21 -24.78 -22.91
CA PRO A 351 6.19 -24.32 -21.91
C PRO A 351 7.44 -23.81 -22.62
N LYS A 352 8.15 -22.89 -21.95
CA LYS A 352 9.28 -22.19 -22.54
C LYS A 352 10.51 -22.30 -21.64
N ASP A 353 11.61 -22.76 -22.21
CA ASP A 353 12.85 -22.81 -21.45
C ASP A 353 13.31 -21.40 -21.13
N ILE A 354 13.75 -21.17 -19.90
CA ILE A 354 14.21 -19.84 -19.51
C ILE A 354 15.69 -19.64 -19.84
N GLY A 355 16.55 -20.55 -19.39
CA GLY A 355 17.97 -20.36 -19.64
C GLY A 355 18.45 -19.01 -19.13
N LYS A 356 19.27 -18.34 -19.96
CA LYS A 356 19.85 -17.04 -19.61
C LYS A 356 18.85 -15.91 -19.79
N ARG A 357 17.91 -16.07 -20.73
N ARG A 357 17.89 -16.08 -20.71
CA ARG A 357 16.96 -15.02 -21.02
CA ARG A 357 16.95 -15.02 -21.01
C ARG A 357 15.81 -15.60 -21.83
C ARG A 357 15.82 -15.58 -21.85
N LEU A 358 14.61 -15.11 -21.55
CA LEU A 358 13.40 -15.50 -22.26
C LEU A 358 12.57 -14.25 -22.46
N GLU A 359 12.09 -14.06 -23.69
CA GLU A 359 11.14 -13.02 -24.02
C GLU A 359 9.89 -13.69 -24.59
N VAL A 360 8.73 -13.30 -24.07
CA VAL A 360 7.44 -13.78 -24.57
C VAL A 360 6.64 -12.57 -25.03
N ARG A 361 6.31 -12.54 -26.32
N ARG A 361 6.27 -12.56 -26.31
CA ARG A 361 5.48 -11.48 -26.88
CA ARG A 361 5.49 -11.47 -26.88
C ARG A 361 4.11 -12.05 -27.19
C ARG A 361 4.13 -11.99 -27.30
N LYS A 362 3.08 -11.24 -26.97
CA LYS A 362 1.74 -11.65 -27.37
C LYS A 362 0.87 -10.43 -27.60
N THR A 363 0.17 -10.42 -28.72
CA THR A 363 -0.76 -9.36 -29.06
C THR A 363 -2.16 -9.82 -28.65
N VAL A 364 -2.84 -8.99 -27.86
CA VAL A 364 -4.13 -9.33 -27.30
C VAL A 364 -5.17 -8.28 -27.71
N THR A 365 -6.43 -8.69 -27.71
CA THR A 365 -7.52 -7.77 -27.97
C THR A 365 -8.22 -7.30 -26.70
N ALA A 366 -7.75 -7.76 -25.54
CA ALA A 366 -8.32 -7.39 -24.24
C ALA A 366 -9.82 -7.65 -24.19
N CYS A 367 -10.21 -8.83 -24.65
CA CYS A 367 -11.58 -9.32 -24.51
C CYS A 367 -12.56 -8.52 -25.37
N LEU A 368 -12.09 -8.10 -26.54
CA LEU A 368 -12.94 -7.45 -27.54
C LEU A 368 -14.19 -8.26 -27.81
N GLY A 369 -15.34 -7.57 -27.80
CA GLY A 369 -16.61 -8.19 -28.07
C GLY A 369 -17.29 -8.83 -26.87
N GLU A 370 -16.65 -8.80 -25.71
CA GLU A 370 -17.13 -9.47 -24.50
C GLU A 370 -17.51 -8.45 -23.44
N PRO A 371 -18.32 -8.84 -22.44
CA PRO A 371 -18.63 -7.92 -21.34
C PRO A 371 -17.43 -7.58 -20.49
N ASN A 372 -16.32 -8.31 -20.63
CA ASN A 372 -15.08 -7.95 -19.93
C ASN A 372 -14.09 -7.22 -20.82
N HIS A 373 -14.54 -6.70 -21.96
CA HIS A 373 -13.67 -5.87 -22.78
C HIS A 373 -13.16 -4.68 -21.96
N ILE A 374 -11.85 -4.48 -21.96
CA ILE A 374 -11.21 -3.41 -21.21
C ILE A 374 -10.46 -2.50 -22.17
N THR A 375 -10.86 -1.22 -22.21
CA THR A 375 -10.11 -0.18 -22.90
C THR A 375 -9.42 0.76 -21.94
N ARG A 376 -9.72 0.67 -20.64
CA ARG A 376 -9.17 1.54 -19.61
C ARG A 376 -8.67 0.65 -18.47
N LEU A 377 -7.37 0.39 -18.44
CA LEU A 377 -6.82 -0.54 -17.48
C LEU A 377 -6.77 0.09 -16.07
N GLU A 378 -6.92 -0.76 -15.06
CA GLU A 378 -6.58 -0.41 -13.68
C GLU A 378 -5.31 -1.19 -13.37
N HIS A 379 -5.43 -2.24 -12.57
CA HIS A 379 -4.30 -3.13 -12.32
C HIS A 379 -4.14 -4.12 -13.47
N ALA A 380 -2.90 -4.57 -13.67
CA ALA A 380 -2.63 -5.71 -14.52
C ALA A 380 -1.74 -6.68 -13.77
N GLN A 381 -1.95 -7.97 -14.00
CA GLN A 381 -1.12 -9.01 -13.42
C GLN A 381 -0.53 -9.91 -14.49
N ALA A 382 0.71 -10.32 -14.28
CA ALA A 382 1.26 -11.48 -14.99
C ALA A 382 1.34 -12.60 -13.97
N ARG A 383 0.44 -13.58 -14.09
CA ARG A 383 0.42 -14.71 -13.17
C ARG A 383 1.31 -15.79 -13.76
N LEU A 384 2.45 -16.01 -13.12
CA LEU A 384 3.50 -16.86 -13.67
C LEU A 384 3.69 -18.12 -12.85
N THR A 385 3.84 -19.23 -13.55
CA THR A 385 4.24 -20.50 -12.96
C THR A 385 5.54 -20.89 -13.65
N LEU A 386 6.61 -21.02 -12.87
CA LEU A 386 7.93 -21.32 -13.42
C LEU A 386 8.76 -22.06 -12.38
N SER A 387 9.67 -22.89 -12.88
CA SER A 387 10.73 -23.48 -12.11
C SER A 387 12.03 -22.77 -12.44
N TYR A 388 12.91 -22.67 -11.44
CA TYR A 388 14.24 -22.11 -11.64
C TYR A 388 15.12 -22.63 -10.51
N ASN A 389 16.42 -22.73 -10.77
CA ASN A 389 17.28 -23.33 -9.75
C ASN A 389 17.66 -22.37 -8.64
N ARG A 390 17.71 -21.06 -8.91
N ARG A 390 17.74 -21.07 -8.92
CA ARG A 390 18.00 -20.07 -7.88
CA ARG A 390 17.99 -20.05 -7.91
C ARG A 390 17.11 -18.84 -8.15
C ARG A 390 17.07 -18.87 -8.20
N ARG A 391 16.02 -18.73 -7.39
CA ARG A 391 14.96 -17.78 -7.71
C ARG A 391 15.45 -16.34 -7.77
N GLY A 392 16.31 -15.96 -6.83
CA GLY A 392 16.74 -14.59 -6.70
C GLY A 392 17.63 -14.10 -7.81
N ASP A 393 18.11 -14.99 -8.67
CA ASP A 393 18.87 -14.53 -9.83
C ASP A 393 17.97 -14.01 -10.94
N LEU A 394 16.65 -14.22 -10.85
CA LEU A 394 15.75 -13.75 -11.88
C LEU A 394 15.38 -12.29 -11.71
N ALA A 395 15.33 -11.59 -12.83
CA ALA A 395 14.64 -10.31 -12.96
C ALA A 395 13.57 -10.47 -14.04
N ILE A 396 12.40 -9.90 -13.80
CA ILE A 396 11.24 -10.04 -14.67
C ILE A 396 10.66 -8.66 -14.95
N HIS A 397 10.40 -8.38 -16.24
CA HIS A 397 9.76 -7.14 -16.66
C HIS A 397 8.59 -7.45 -17.56
N LEU A 398 7.62 -6.53 -17.55
CA LEU A 398 6.41 -6.61 -18.38
C LEU A 398 6.22 -5.26 -19.05
N VAL A 399 6.14 -5.26 -20.38
CA VAL A 399 5.99 -4.04 -21.16
C VAL A 399 4.58 -4.01 -21.75
N SER A 400 3.86 -2.92 -21.52
CA SER A 400 2.51 -2.77 -22.03
C SER A 400 2.52 -2.30 -23.48
N PRO A 401 1.39 -2.42 -24.16
CA PRO A 401 1.32 -1.92 -25.55
C PRO A 401 1.73 -0.47 -25.69
N MET A 402 1.48 0.35 -24.67
N MET A 402 1.49 0.34 -24.68
CA MET A 402 1.87 1.75 -24.71
CA MET A 402 1.87 1.75 -24.74
C MET A 402 3.34 1.99 -24.38
C MET A 402 3.31 1.98 -24.29
N GLY A 403 4.11 0.93 -24.14
CA GLY A 403 5.53 1.06 -23.95
C GLY A 403 5.99 1.18 -22.51
N THR A 404 5.09 1.00 -21.56
CA THR A 404 5.43 1.19 -20.16
C THR A 404 6.06 -0.07 -19.64
N ARG A 405 7.33 0.04 -19.23
N ARG A 405 7.32 0.03 -19.18
CA ARG A 405 8.09 -1.08 -18.70
CA ARG A 405 8.08 -1.14 -18.73
C ARG A 405 7.83 -1.15 -17.20
C ARG A 405 7.97 -1.25 -17.21
N SER A 406 7.18 -2.21 -16.76
CA SER A 406 7.01 -2.48 -15.33
C SER A 406 8.00 -3.55 -14.91
N THR A 407 8.76 -3.27 -13.85
CA THR A 407 9.56 -4.33 -13.26
C THR A 407 8.65 -5.16 -12.38
N LEU A 408 8.46 -6.43 -12.74
CA LEU A 408 7.66 -7.31 -11.89
C LEU A 408 8.48 -7.93 -10.77
N LEU A 409 9.78 -8.11 -11.01
CA LEU A 409 10.67 -8.71 -10.03
C LEU A 409 12.08 -8.24 -10.32
N ALA A 410 12.75 -7.69 -9.30
CA ALA A 410 14.16 -7.40 -9.41
C ALA A 410 14.97 -8.55 -8.79
N ALA A 411 16.23 -8.64 -9.17
CA ALA A 411 17.09 -9.65 -8.58
C ALA A 411 17.11 -9.47 -7.06
N ARG A 412 17.01 -10.60 -6.36
CA ARG A 412 17.08 -10.65 -4.89
C ARG A 412 18.25 -11.54 -4.50
N PRO A 413 19.40 -10.95 -4.16
N PRO A 413 19.41 -10.97 -4.20
CA PRO A 413 20.61 -11.77 -3.95
CA PRO A 413 20.61 -11.80 -3.97
C PRO A 413 20.48 -12.81 -2.85
C PRO A 413 20.46 -12.83 -2.87
N HIS A 414 19.64 -12.58 -1.85
CA HIS A 414 19.52 -13.53 -0.75
C HIS A 414 18.55 -14.66 -1.03
N ASP A 415 17.78 -14.59 -2.12
CA ASP A 415 16.75 -15.59 -2.39
C ASP A 415 17.37 -16.77 -3.13
N TYR A 416 17.76 -17.77 -2.36
CA TYR A 416 18.37 -18.99 -2.89
C TYR A 416 17.36 -20.06 -3.24
N SER A 417 16.07 -19.76 -3.17
CA SER A 417 15.06 -20.82 -3.27
C SER A 417 15.12 -21.51 -4.62
N ALA A 418 14.93 -22.82 -4.61
CA ALA A 418 14.76 -23.61 -5.82
C ALA A 418 13.29 -23.91 -6.09
N ASP A 419 12.37 -23.24 -5.40
CA ASP A 419 10.95 -23.56 -5.51
C ASP A 419 10.20 -22.77 -6.57
N GLY A 420 10.85 -21.79 -7.21
CA GLY A 420 10.25 -21.03 -8.29
C GLY A 420 9.03 -20.24 -7.86
N PHE A 421 8.12 -20.03 -8.81
CA PHE A 421 6.89 -19.30 -8.56
C PHE A 421 5.70 -20.16 -8.99
N ASN A 422 4.73 -20.31 -8.09
CA ASN A 422 3.60 -21.18 -8.34
C ASN A 422 2.35 -20.31 -8.53
N ASP A 423 2.07 -19.98 -9.79
CA ASP A 423 0.97 -19.09 -10.15
C ASP A 423 1.01 -17.79 -9.33
N TRP A 424 2.17 -17.16 -9.30
CA TRP A 424 2.36 -15.94 -8.52
C TRP A 424 1.90 -14.76 -9.37
N ALA A 425 0.96 -13.97 -8.84
CA ALA A 425 0.28 -12.91 -9.59
C ALA A 425 0.99 -11.56 -9.44
N PHE A 426 2.16 -11.45 -10.08
CA PHE A 426 2.90 -10.18 -10.07
C PHE A 426 2.01 -9.05 -10.61
N MET A 427 1.92 -7.94 -9.87
CA MET A 427 0.98 -6.89 -10.21
C MET A 427 1.66 -5.56 -10.48
N THR A 428 1.15 -4.85 -11.49
CA THR A 428 1.61 -3.50 -11.77
C THR A 428 0.46 -2.51 -11.80
N THR A 429 0.70 -1.33 -11.22
CA THR A 429 -0.20 -0.19 -11.29
C THR A 429 0.28 0.83 -12.32
N HIS A 430 1.41 0.59 -12.99
CA HIS A 430 2.06 1.62 -13.79
C HIS A 430 1.38 1.85 -15.13
N SER A 431 0.46 0.98 -15.55
CA SER A 431 -0.29 1.14 -16.79
C SER A 431 -1.73 1.57 -16.56
N TRP A 432 -2.03 2.06 -15.35
CA TRP A 432 -3.35 2.57 -15.03
C TRP A 432 -3.81 3.60 -16.06
N ASP A 433 -5.03 3.43 -16.56
CA ASP A 433 -5.74 4.24 -17.55
C ASP A 433 -5.26 4.01 -19.00
N GLU A 434 -4.20 3.22 -19.22
CA GLU A 434 -3.84 2.86 -20.59
C GLU A 434 -4.85 1.89 -21.21
N ASP A 435 -4.88 1.87 -22.53
CA ASP A 435 -5.63 0.85 -23.27
C ASP A 435 -4.74 -0.38 -23.39
N PRO A 436 -5.15 -1.53 -22.87
CA PRO A 436 -4.26 -2.70 -22.85
C PRO A 436 -4.32 -3.58 -24.10
N SER A 437 -5.05 -3.17 -25.13
N SER A 437 -5.07 -3.18 -25.14
CA SER A 437 -5.04 -3.91 -26.39
CA SER A 437 -5.03 -3.90 -26.39
C SER A 437 -3.71 -3.68 -27.09
C SER A 437 -3.68 -3.70 -27.05
N GLY A 438 -3.21 -4.72 -27.75
CA GLY A 438 -1.92 -4.64 -28.43
C GLY A 438 -0.90 -5.62 -27.88
N GLU A 439 0.37 -5.33 -28.15
CA GLU A 439 1.43 -6.28 -27.83
C GLU A 439 1.93 -6.06 -26.41
N TRP A 440 1.88 -7.11 -25.59
CA TRP A 440 2.56 -7.18 -24.31
C TRP A 440 3.83 -8.00 -24.46
N VAL A 441 4.86 -7.63 -23.69
CA VAL A 441 6.15 -8.32 -23.72
C VAL A 441 6.54 -8.68 -22.31
N LEU A 442 6.76 -9.97 -22.05
CA LEU A 442 7.31 -10.45 -20.79
C LEU A 442 8.78 -10.80 -21.00
N GLU A 443 9.64 -10.29 -20.13
CA GLU A 443 11.07 -10.57 -20.16
C GLU A 443 11.45 -11.25 -18.84
N ILE A 444 12.13 -12.38 -18.94
CA ILE A 444 12.70 -13.07 -17.78
C ILE A 444 14.18 -13.22 -18.04
N GLU A 445 15.01 -12.73 -17.10
CA GLU A 445 16.44 -12.74 -17.33
C GLU A 445 17.18 -13.29 -16.12
N ASN A 446 18.21 -14.08 -16.40
CA ASN A 446 19.17 -14.50 -15.39
C ASN A 446 20.20 -13.39 -15.22
N THR A 447 20.18 -12.71 -14.06
CA THR A 447 21.08 -11.58 -13.84
C THR A 447 22.46 -12.00 -13.35
N SER A 448 22.67 -13.28 -13.09
N SER A 448 22.67 -13.30 -13.10
CA SER A 448 23.97 -13.77 -12.66
CA SER A 448 23.93 -13.85 -12.64
C SER A 448 24.75 -14.29 -13.86
C SER A 448 24.70 -14.43 -13.81
N GLU A 449 26.01 -14.60 -13.60
CA GLU A 449 26.85 -15.27 -14.58
C GLU A 449 26.77 -16.79 -14.46
N ALA A 450 26.06 -17.30 -13.46
CA ALA A 450 25.93 -18.75 -13.30
C ALA A 450 25.06 -19.33 -14.42
N ASN A 451 25.31 -20.60 -14.73
CA ASN A 451 24.51 -21.30 -15.72
C ASN A 451 23.25 -21.85 -15.04
N ASN A 452 22.31 -20.95 -14.79
CA ASN A 452 21.03 -21.31 -14.18
C ASN A 452 20.07 -21.83 -15.24
N TYR A 453 18.98 -22.46 -14.77
CA TYR A 453 18.09 -23.18 -15.66
C TYR A 453 16.70 -23.30 -15.05
N GLY A 454 15.70 -23.40 -15.93
CA GLY A 454 14.34 -23.65 -15.53
C GLY A 454 13.41 -23.42 -16.71
N THR A 455 12.10 -23.47 -16.40
CA THR A 455 11.06 -23.48 -17.42
C THR A 455 9.87 -22.67 -16.95
N LEU A 456 9.36 -21.82 -17.85
CA LEU A 456 8.10 -21.12 -17.66
C LEU A 456 6.99 -21.99 -18.22
N THR A 457 6.07 -22.43 -17.35
CA THR A 457 5.02 -23.34 -17.78
C THR A 457 3.66 -22.67 -17.94
N LYS A 458 3.43 -21.52 -17.30
CA LYS A 458 2.18 -20.81 -17.45
C LYS A 458 2.41 -19.31 -17.28
N PHE A 459 1.78 -18.53 -18.16
CA PHE A 459 1.77 -17.07 -18.10
C PHE A 459 0.32 -16.68 -18.39
N THR A 460 -0.40 -16.24 -17.36
CA THR A 460 -1.73 -15.68 -17.54
C THR A 460 -1.61 -14.17 -17.40
N LEU A 461 -2.01 -13.44 -18.44
CA LEU A 461 -2.16 -12.00 -18.34
C LEU A 461 -3.58 -11.70 -17.88
N VAL A 462 -3.71 -11.04 -16.73
CA VAL A 462 -5.01 -10.71 -16.19
C VAL A 462 -5.14 -9.20 -16.17
N LEU A 463 -6.12 -8.69 -16.88
CA LEU A 463 -6.36 -7.26 -17.00
C LEU A 463 -7.63 -6.91 -16.23
N TYR A 464 -7.55 -5.89 -15.37
CA TYR A 464 -8.70 -5.35 -14.70
C TYR A 464 -8.94 -3.93 -15.19
N GLY A 465 -10.20 -3.52 -15.23
CA GLY A 465 -10.50 -2.15 -15.63
C GLY A 465 -11.92 -2.03 -16.16
N THR A 466 -12.10 -1.02 -17.00
CA THR A 466 -13.40 -0.65 -17.51
C THR A 466 -13.29 -0.34 -18.99
N ALA A 467 -14.41 0.08 -19.56
CA ALA A 467 -14.44 0.51 -20.95
C ALA A 467 -15.13 1.86 -21.09
N SER A 468 -15.07 2.71 -20.07
CA SER A 468 -15.73 4.00 -20.16
C SER A 468 -15.07 4.98 -19.19
N GLY A 469 -15.21 6.27 -19.50
CA GLY A 469 -14.92 7.33 -18.56
C GLY A 469 -13.54 7.95 -18.60
N SER A 470 -12.78 7.76 -19.68
CA SER A 470 -11.39 8.18 -19.68
C SER A 470 -11.23 9.69 -19.79
N LEU A 471 -10.11 10.17 -19.27
CA LEU A 471 -9.72 11.58 -19.28
C LEU A 471 -8.61 11.77 -20.30
N VAL A 472 -8.53 12.98 -20.86
CA VAL A 472 -7.45 13.29 -21.80
C VAL A 472 -6.10 13.04 -21.12
N PRO A 473 -5.16 12.30 -21.74
CA PRO A 473 -3.83 12.08 -21.14
C PRO A 473 -3.19 13.36 -20.57
CAA I0W B . -0.69 -21.70 4.37
CAB I0W B . -0.94 -20.80 5.58
CAE I0W B . -0.22 -18.86 6.85
CAF I0W B . 0.73 -17.70 6.68
CAG I0W B . 0.34 -16.82 5.48
CAH I0W B . 1.32 -15.66 5.38
CAJ I0W B . 1.65 -15.62 7.79
CAK I0W B . 0.68 -16.81 7.94
CAL I0W B . 2.32 -13.72 6.41
CAM I0W B . 2.22 -12.66 7.53
CAN I0W B . 3.12 -12.68 8.59
CAO I0W B . 3.02 -11.73 9.60
CAQ I0W B . 1.23 -10.71 8.54
CAR I0W B . 1.27 -11.63 7.51
CAS I0W B . 0.25 -9.70 8.58
CAT I0W B . -1.02 -9.96 8.07
CAU I0W B . -2.03 -8.99 8.16
CAW I0W B . -1.78 -7.76 8.74
CAX I0W B . -0.53 -7.52 9.28
CAZ I0W B . 0.46 -8.47 9.21
CBB I0W B . 4.28 -10.77 11.37
CBC I0W B . 4.37 -10.95 12.74
CBD I0W B . 4.84 -9.91 13.54
CBE I0W B . 5.24 -8.71 12.95
CBG I0W B . 4.67 -9.57 10.79
CBI I0W B . 5.71 -7.79 15.18
CBJ I0W B . 6.78 -6.90 15.82
CBL I0W B . 7.85 -4.69 15.95
CBM I0W B . 7.80 -3.19 15.36
CBN I0W B . 8.31 -2.31 16.44
CBQ I0W B . 7.12 -5.64 13.83
CBR I0W B . 6.04 -6.41 13.11
NAD I0W B . -0.08 -19.80 5.72
NAI I0W B . 1.33 -14.81 6.61
NAP I0W B . 2.11 -10.78 9.56
NBF I0W B . 5.13 -8.54 11.63
NBH I0W B . 5.69 -7.69 13.72
NBK I0W B . 6.82 -5.54 15.28
OAC I0W B . -1.88 -21.02 6.33
OBA I0W B . 3.90 -11.83 10.62
OBO I0W B . 8.30 -2.68 17.64
OBP I0W B . 8.64 -1.18 16.05
CL1 I0W B . -3.62 -9.31 7.55
CL2 I0W B . -0.22 -5.98 10.04
HAA I0W B . 0.38 -21.70 4.13
HAB I0W B . -1.25 -21.33 3.51
HAC I0W B . -1.00 -22.71 4.60
HAF I0W B . -1.25 -18.49 6.88
HAE I0W B . -0.01 -19.37 7.78
HAG I0W B . 1.72 -18.11 6.51
HAH I0W B . -0.67 -16.44 5.62
HAI I0W B . 0.38 -17.42 4.57
HAK I0W B . 2.33 -16.06 5.23
HAJ I0W B . 1.04 -15.05 4.53
HAM I0W B . 2.67 -16.02 7.69
HAL I0W B . 1.59 -15.01 8.69
HAO I0W B . -0.33 -16.43 8.08
HAN I0W B . 0.97 -17.40 8.81
HAQ I0W B . 3.32 -14.14 6.41
HAP I0W B . 2.13 -13.23 5.46
HAR I0W B . 3.90 -13.45 8.64
HAS I0W B . 0.57 -11.57 6.67
HAT I0W B . -1.23 -10.92 7.60
HAW I0W B . -2.55 -6.99 8.79
HAZ I0W B . 1.44 -8.27 9.65
HBC I0W B . 4.06 -11.88 13.20
HBD I0W B . 4.91 -10.03 14.61
HBG I0W B . 4.63 -9.43 9.71
HBJ I0W B . 4.73 -7.48 15.56
HBI I0W B . 5.89 -8.83 15.47
HBL I0W B . 6.58 -6.84 16.90
HBK I0W B . 7.75 -7.37 15.66
HBN I0W B . 7.64 -4.66 17.01
HBM I0W B . 8.83 -5.12 15.78
HBO I0W B . 8.45 -3.11 14.48
HBP I0W B . 6.79 -2.91 15.08
HBQ I0W B . 8.07 -6.16 13.70
HBR I0W B . 7.19 -4.63 13.41
HBT I0W B . 6.37 -6.60 12.09
HBS I0W B . 5.14 -5.80 13.09
HAD I0W B . 0.69 -19.63 5.10
HBU I0W B . 0.43 -14.41 6.77
HBV I0W B . 5.93 -5.10 15.44
CA CA C . -7.03 -8.32 25.31
CA CA D . -2.80 16.26 20.58
CA CA E . 9.12 -7.17 1.61
NA NA F . -1.63 -3.24 -3.12
NA NA G . -3.27 -0.94 -28.30
NA NA H . 6.53 5.90 -21.89
NA NA I . 6.79 -5.90 5.33
CL CL J . -10.79 -11.46 -9.37
S DMS K . 6.11 -19.10 -4.60
O DMS K . 5.00 -19.00 -5.62
C1 DMS K . 5.29 -19.01 -2.99
C2 DMS K . 6.70 -20.82 -4.55
H11 DMS K . 6.01 -19.13 -2.23
H12 DMS K . 4.56 -19.78 -2.93
H13 DMS K . 4.83 -18.07 -2.88
H21 DMS K . 7.47 -20.92 -3.83
H22 DMS K . 7.09 -21.09 -5.50
H23 DMS K . 5.90 -21.46 -4.30
S DMS L . -14.27 -6.50 -7.51
O DMS L . -13.30 -7.55 -7.08
C1 DMS L . -15.57 -7.27 -8.50
C2 DMS L . -15.40 -6.04 -6.18
H11 DMS L . -16.33 -6.57 -8.68
H12 DMS L . -15.96 -8.10 -7.96
H13 DMS L . -15.16 -7.60 -9.41
H21 DMS L . -15.99 -5.22 -6.49
H22 DMS L . -14.84 -5.77 -5.32
H23 DMS L . -16.03 -6.85 -5.95
S DMS M . 12.65 -0.33 10.18
O DMS M . 12.44 -1.69 9.59
C1 DMS M . 12.81 0.80 8.77
C2 DMS M . 11.08 0.27 10.82
H11 DMS M . 12.89 1.80 9.13
H12 DMS M . 11.96 0.72 8.15
H13 DMS M . 13.69 0.56 8.22
H21 DMS M . 11.17 1.28 11.13
H22 DMS M . 10.78 -0.32 11.64
H23 DMS M . 10.34 0.21 10.05
S DMS N . 1.14 -0.75 33.06
O DMS N . 0.93 0.27 31.99
C1 DMS N . 0.03 -2.17 32.84
C2 DMS N . 2.76 -1.55 32.91
H11 DMS N . 0.24 -2.90 33.58
H12 DMS N . 0.19 -2.60 31.88
H13 DMS N . -0.97 -1.86 32.93
H21 DMS N . 2.84 -2.33 33.63
H22 DMS N . 3.52 -0.83 33.08
H23 DMS N . 2.86 -1.95 31.94
S DMS O . -2.42 -8.82 27.99
O DMS O . -3.31 -8.12 28.98
C1 DMS O . -2.24 -7.71 26.57
C2 DMS O . -0.74 -8.94 28.66
H11 DMS O . -1.52 -8.10 25.90
H12 DMS O . -1.93 -6.75 26.91
H13 DMS O . -3.17 -7.61 26.08
H21 DMS O . -0.12 -9.43 27.96
H22 DMS O . -0.76 -9.48 29.56
H23 DMS O . -0.36 -7.96 28.84
S DMS P . 16.65 4.41 -7.55
S DMS P . 17.07 5.12 -6.67
O DMS P . 16.76 5.86 -7.91
O DMS P . 16.98 6.38 -7.45
C1 DMS P . 18.30 3.66 -7.50
C1 DMS P . 16.09 3.88 -7.56
C2 DMS P . 16.31 4.29 -5.78
C2 DMS P . 18.68 4.38 -7.08
H11 DMS P . 18.22 2.68 -7.10
H11 DMS P . 16.10 2.97 -7.01
H12 DMS P . 18.94 4.24 -6.88
H12 DMS P . 16.50 3.71 -8.51
H13 DMS P . 18.70 3.61 -8.48
H13 DMS P . 15.09 4.22 -7.65
H21 DMS P . 16.10 3.29 -5.52
H21 DMS P . 18.83 3.52 -6.49
H22 DMS P . 15.47 4.90 -5.54
H22 DMS P . 19.44 5.09 -6.86
H23 DMS P . 17.15 4.63 -5.24
H23 DMS P . 18.70 4.14 -8.11
S DMS Q . 24.91 -18.54 -5.56
O DMS Q . 25.13 -17.07 -5.73
C1 DMS Q . 26.22 -19.49 -6.39
C2 DMS Q . 25.26 -19.02 -3.84
H11 DMS Q . 26.01 -20.52 -6.34
H12 DMS Q . 27.15 -19.29 -5.93
H13 DMS Q . 26.27 -19.20 -7.41
H21 DMS Q . 25.01 -20.05 -3.71
H22 DMS Q . 24.66 -18.43 -3.19
H23 DMS Q . 26.28 -18.87 -3.64
C1 NAG R . -23.50 6.27 -4.68
C2 NAG R . -24.83 7.03 -4.75
C3 NAG R . -25.88 6.22 -5.51
C4 NAG R . -25.33 5.73 -6.84
C5 NAG R . -24.00 5.02 -6.64
C6 NAG R . -23.35 4.57 -7.93
C7 NAG R . -25.17 8.53 -2.83
C8 NAG R . -25.74 8.65 -1.44
N2 NAG R . -25.31 7.33 -3.41
O3 NAG R . -27.04 7.02 -5.75
O4 NAG R . -26.24 4.82 -7.46
O5 NAG R . -23.08 5.91 -5.99
O6 NAG R . -23.13 5.65 -8.81
O7 NAG R . -24.61 9.47 -3.38
H1 NAG R . -23.61 5.46 -4.14
H2 NAG R . -24.69 7.86 -5.25
H3 NAG R . -26.12 5.44 -4.97
H4 NAG R . -25.20 6.49 -7.44
H5 NAG R . -24.14 4.24 -6.08
H61 NAG R . -23.93 3.91 -8.36
H62 NAG R . -22.50 4.15 -7.72
H81 NAG R . -25.60 9.55 -1.12
H82 NAG R . -25.28 8.02 -0.85
H83 NAG R . -26.69 8.44 -1.46
HN2 NAG R . -25.73 6.68 -2.95
HO3 NAG R . -27.64 6.55 -6.18
HO4 NAG R . -26.22 4.93 -8.34
HO6 NAG R . -22.89 5.34 -9.61
#